data_5E6X
#
_entry.id   5E6X
#
_cell.length_a   58.489
_cell.length_b   30.853
_cell.length_c   65.157
_cell.angle_alpha   90.00
_cell.angle_beta   94.29
_cell.angle_gamma   90.00
#
_symmetry.space_group_name_H-M   'P 1 21 1'
#
loop_
_entity.id
_entity.type
_entity.pdbx_description
1 polymer 'Integrin beta-2'
2 non-polymer 2-acetamido-2-deoxy-beta-D-glucopyranose
3 water water
#
_entity_poly.entity_id   1
_entity_poly.type   'polypeptide(L)'
_entity_poly.pdbx_seq_one_letter_code
;QECTKFKVSSCRECIESGPGCTWCQKLNFTGPGDPDSIRCDTRPQLLMRGCAADDIMDPTSLAETQEDHNGGQKQLSPQK
VTLYLRPGQAAAFNVTFRRAKLSSRVFLDHNALPDTLKVTYDSFCSNGVTHRNQPRGDCDGVQINVPITFQVKVTATECI
QEQSFVIRALGFTDIVTVQVLPQCECRCRDQSRDRSLCHGKGFLECGICRCDTGYIGKNCECQTQGRSSQELEGSCRKDN
NSIICSGLGDCVCGQCLCHTSDVPGKLIYGQYCEHHHHHH
;
_entity_poly.pdbx_strand_id   A
#
# COMPACT_ATOMS: atom_id res chain seq x y z
N GLN A 1 -2.05 8.07 -11.14
CA GLN A 1 -1.49 8.00 -9.80
C GLN A 1 0.04 8.00 -9.85
N GLU A 2 0.66 8.47 -8.77
N GLU A 2 0.68 8.51 -8.80
CA GLU A 2 2.12 8.58 -8.71
CA GLU A 2 2.13 8.52 -8.77
C GLU A 2 2.67 7.80 -7.51
C GLU A 2 2.67 7.80 -7.54
N CYS A 3 3.91 7.32 -7.65
CA CYS A 3 4.56 6.61 -6.56
C CYS A 3 5.99 7.11 -6.35
N THR A 4 6.20 7.85 -5.27
CA THR A 4 7.54 8.30 -4.90
C THR A 4 8.15 7.30 -3.91
N LYS A 5 9.34 6.80 -4.24
CA LYS A 5 9.96 5.74 -3.48
C LYS A 5 11.47 5.92 -3.46
N PHE A 6 12.12 5.28 -2.49
CA PHE A 6 13.58 5.31 -2.40
C PHE A 6 14.14 4.04 -1.78
N LYS A 7 14.70 3.18 -2.63
CA LYS A 7 15.38 1.97 -2.18
C LYS A 7 14.54 1.11 -1.22
N VAL A 8 13.27 0.98 -1.53
CA VAL A 8 12.34 0.15 -0.77
C VAL A 8 12.74 -1.32 -0.84
N SER A 9 12.75 -1.99 0.30
CA SER A 9 13.19 -3.39 0.36
C SER A 9 12.14 -4.33 0.95
N SER A 10 10.92 -3.83 1.11
CA SER A 10 9.81 -4.67 1.59
C SER A 10 8.46 -4.16 1.09
N CYS A 11 7.45 -5.02 1.13
CA CYS A 11 6.12 -4.66 0.67
C CYS A 11 5.52 -3.54 1.51
N ARG A 12 5.71 -3.61 2.83
CA ARG A 12 5.19 -2.59 3.73
C ARG A 12 5.84 -1.23 3.49
N GLU A 13 7.16 -1.21 3.29
CA GLU A 13 7.88 0.02 3.00
C GLU A 13 7.36 0.68 1.73
N CYS A 14 6.90 -0.15 0.79
CA CYS A 14 6.34 0.34 -0.46
C CYS A 14 4.98 1.00 -0.22
N ILE A 15 4.12 0.31 0.53
CA ILE A 15 2.80 0.83 0.84
C ILE A 15 2.89 2.11 1.67
N GLU A 16 3.85 2.17 2.58
CA GLU A 16 4.06 3.34 3.42
C GLU A 16 4.58 4.54 2.62
N SER A 17 5.06 4.29 1.41
CA SER A 17 5.65 5.34 0.58
C SER A 17 4.60 6.25 -0.06
N GLY A 18 3.35 5.80 -0.08
CA GLY A 18 2.28 6.58 -0.67
C GLY A 18 1.13 5.74 -1.20
N PRO A 19 -0.07 6.34 -1.27
CA PRO A 19 -1.29 5.66 -1.71
C PRO A 19 -1.22 5.18 -3.16
N GLY A 20 -0.34 5.80 -3.95
CA GLY A 20 -0.19 5.41 -5.35
C GLY A 20 0.81 4.30 -5.56
N CYS A 21 1.49 3.89 -4.49
CA CYS A 21 2.50 2.86 -4.57
C CYS A 21 1.93 1.45 -4.40
N THR A 22 2.31 0.55 -5.30
CA THR A 22 1.90 -0.84 -5.21
C THR A 22 3.14 -1.74 -5.30
N TRP A 23 3.02 -2.98 -4.82
CA TRP A 23 4.17 -3.87 -4.73
C TRP A 23 3.95 -5.17 -5.50
N CYS A 24 4.95 -5.57 -6.29
CA CYS A 24 4.88 -6.80 -7.07
C CYS A 24 5.62 -7.92 -6.36
N GLN A 25 4.87 -8.97 -6.00
CA GLN A 25 5.44 -10.09 -5.27
C GLN A 25 5.83 -11.23 -6.21
N LYS A 26 5.75 -10.98 -7.51
CA LYS A 26 6.03 -12.01 -8.51
C LYS A 26 7.46 -12.51 -8.40
N LEU A 27 7.62 -13.83 -8.43
CA LEU A 27 8.94 -14.45 -8.34
C LEU A 27 9.78 -14.11 -9.56
N ASN A 28 11.05 -13.78 -9.31
CA ASN A 28 11.99 -13.37 -10.35
C ASN A 28 11.53 -12.16 -11.15
N PHE A 29 10.70 -11.31 -10.55
CA PHE A 29 10.21 -10.11 -11.22
C PHE A 29 11.36 -9.16 -11.52
N THR A 30 12.34 -9.11 -10.63
CA THR A 30 13.50 -8.26 -10.81
C THR A 30 14.57 -8.98 -11.64
N GLY A 31 14.62 -8.68 -12.93
CA GLY A 31 15.60 -9.26 -13.82
C GLY A 31 17.00 -8.77 -13.54
N PRO A 32 17.97 -9.23 -14.34
CA PRO A 32 19.39 -8.87 -14.19
C PRO A 32 19.61 -7.36 -14.21
N GLY A 33 20.25 -6.84 -13.16
CA GLY A 33 20.53 -5.42 -13.06
C GLY A 33 19.52 -4.66 -12.23
N ASP A 34 18.33 -5.23 -12.08
CA ASP A 34 17.25 -4.57 -11.33
C ASP A 34 17.28 -4.94 -9.84
N PRO A 35 17.34 -3.93 -8.97
CA PRO A 35 17.28 -4.12 -7.52
C PRO A 35 15.86 -4.40 -7.04
N ASP A 36 15.72 -4.72 -5.77
CA ASP A 36 14.42 -5.10 -5.20
C ASP A 36 13.39 -3.97 -5.23
N SER A 37 13.88 -2.74 -5.23
N SER A 37 13.89 -2.74 -5.21
CA SER A 37 13.02 -1.56 -5.16
CA SER A 37 13.02 -1.56 -5.16
C SER A 37 12.20 -1.36 -6.44
C SER A 37 12.22 -1.35 -6.45
N ILE A 38 12.56 -2.10 -7.49
CA ILE A 38 11.82 -2.04 -8.75
C ILE A 38 10.41 -2.61 -8.58
N ARG A 39 10.27 -3.51 -7.61
CA ARG A 39 8.97 -4.13 -7.30
C ARG A 39 7.94 -3.13 -6.81
N CYS A 40 8.41 -2.00 -6.28
CA CYS A 40 7.51 -0.96 -5.81
C CYS A 40 7.31 0.10 -6.89
N ASP A 41 6.06 0.29 -7.31
CA ASP A 41 5.74 1.28 -8.33
C ASP A 41 4.23 1.49 -8.42
N THR A 42 3.79 2.36 -9.33
CA THR A 42 2.38 2.52 -9.59
C THR A 42 1.84 1.24 -10.22
N ARG A 43 0.55 0.99 -10.05
N ARG A 43 0.55 0.97 -10.04
CA ARG A 43 -0.09 -0.21 -10.58
CA ARG A 43 -0.07 -0.23 -10.59
C ARG A 43 0.04 -0.40 -12.10
C ARG A 43 0.06 -0.40 -12.11
N PRO A 44 -0.26 0.65 -12.90
CA PRO A 44 -0.15 0.44 -14.35
C PRO A 44 1.29 0.24 -14.83
N GLN A 45 2.27 0.69 -14.04
CA GLN A 45 3.66 0.45 -14.36
C GLN A 45 4.03 -1.02 -14.15
N LEU A 46 3.58 -1.58 -13.04
CA LEU A 46 3.84 -2.98 -12.71
C LEU A 46 3.14 -3.92 -13.69
N LEU A 47 1.91 -3.58 -14.05
CA LEU A 47 1.13 -4.34 -15.02
C LEU A 47 1.85 -4.40 -16.37
N MET A 48 2.44 -3.26 -16.76
CA MET A 48 3.20 -3.17 -18.00
C MET A 48 4.44 -4.05 -17.96
N ARG A 49 5.08 -4.10 -16.79
CA ARG A 49 6.32 -4.87 -16.64
C ARG A 49 6.05 -6.36 -16.41
N GLY A 50 4.78 -6.75 -16.51
CA GLY A 50 4.42 -8.16 -16.48
C GLY A 50 3.98 -8.71 -15.13
N CYS A 51 3.71 -7.83 -14.18
CA CYS A 51 3.23 -8.28 -12.87
C CYS A 51 1.73 -8.55 -12.94
N ALA A 52 1.35 -9.81 -12.70
CA ALA A 52 -0.04 -10.21 -12.80
C ALA A 52 -0.90 -9.62 -11.69
N ALA A 53 -2.22 -9.66 -11.88
CA ALA A 53 -3.15 -9.09 -10.93
C ALA A 53 -3.06 -9.74 -9.54
N ASP A 54 -2.77 -11.03 -9.51
CA ASP A 54 -2.70 -11.76 -8.25
CA ASP A 54 -2.68 -11.80 -8.27
C ASP A 54 -1.37 -11.52 -7.54
N ASP A 55 -0.44 -10.87 -8.24
CA ASP A 55 0.89 -10.60 -7.68
C ASP A 55 1.09 -9.12 -7.31
N ILE A 56 0.11 -8.28 -7.63
CA ILE A 56 0.19 -6.87 -7.27
C ILE A 56 -0.40 -6.62 -5.88
N MET A 57 0.47 -6.26 -4.95
CA MET A 57 0.07 -5.97 -3.58
C MET A 57 -0.36 -4.52 -3.45
N ASP A 58 -1.62 -4.30 -3.08
CA ASP A 58 -2.17 -2.94 -2.99
C ASP A 58 -3.40 -2.91 -2.10
N PRO A 59 -3.22 -2.97 -0.78
CA PRO A 59 -4.37 -2.83 0.12
C PRO A 59 -4.87 -1.39 0.11
N THR A 60 -6.17 -1.18 0.25
CA THR A 60 -6.73 0.17 0.16
C THR A 60 -7.51 0.55 1.42
N SER A 61 -7.80 1.84 1.55
CA SER A 61 -8.63 2.33 2.65
C SER A 61 -10.10 1.99 2.36
N LEU A 62 -10.79 1.45 3.35
CA LEU A 62 -12.19 1.05 3.17
C LEU A 62 -13.01 1.15 4.45
N ALA A 63 -14.33 1.14 4.30
CA ALA A 63 -15.23 1.26 5.44
C ALA A 63 -16.22 0.09 5.51
N GLU A 64 -16.32 -0.53 6.67
CA GLU A 64 -17.34 -1.54 6.92
C GLU A 64 -18.37 -0.98 7.90
N THR A 65 -19.65 -1.15 7.60
CA THR A 65 -20.71 -0.62 8.44
C THR A 65 -21.63 -1.71 8.97
N GLN A 66 -22.13 -1.50 10.19
CA GLN A 66 -23.06 -2.43 10.81
C GLN A 66 -24.18 -1.68 11.51
N GLU A 67 -25.38 -2.22 11.42
CA GLU A 67 -26.51 -1.70 12.18
C GLU A 67 -26.90 -2.68 13.27
N ASP A 68 -27.15 -2.16 14.47
CA ASP A 68 -27.69 -2.98 15.54
C ASP A 68 -29.12 -3.40 15.16
N HIS A 69 -29.79 -4.15 16.02
CA HIS A 69 -31.14 -4.63 15.74
C HIS A 69 -32.15 -3.49 15.53
N ASN A 70 -31.68 -2.26 15.72
CA ASN A 70 -32.40 -1.04 15.37
C ASN A 70 -33.60 -0.70 16.25
N GLY A 71 -33.71 -1.35 17.39
CA GLY A 71 -34.59 -0.89 18.45
C GLY A 71 -33.73 -0.03 19.37
N GLY A 72 -32.43 -0.09 19.14
CA GLY A 72 -31.45 0.57 19.98
C GLY A 72 -31.21 2.03 19.64
N GLN A 73 -31.18 2.35 18.35
CA GLN A 73 -30.85 3.71 17.91
C GLN A 73 -31.76 4.17 16.77
N LYS A 74 -32.38 5.33 16.97
CA LYS A 74 -33.42 5.83 16.07
C LYS A 74 -32.93 6.83 15.02
N GLN A 75 -32.12 7.80 15.47
CA GLN A 75 -31.83 8.98 14.65
C GLN A 75 -30.52 8.95 13.88
N LEU A 76 -29.51 8.24 14.40
CA LEU A 76 -28.25 8.10 13.68
C LEU A 76 -27.99 6.65 13.25
N SER A 77 -27.63 6.48 11.98
CA SER A 77 -27.29 5.18 11.43
C SER A 77 -26.19 5.32 10.38
N PRO A 78 -25.28 4.34 10.30
CA PRO A 78 -25.23 3.11 11.09
C PRO A 78 -24.67 3.34 12.49
N GLN A 79 -24.83 2.36 13.37
CA GLN A 79 -24.39 2.49 14.76
C GLN A 79 -22.92 2.10 14.92
N LYS A 80 -22.42 1.25 14.02
CA LYS A 80 -21.05 0.77 14.10
C LYS A 80 -20.34 0.84 12.75
N VAL A 81 -19.12 1.39 12.76
CA VAL A 81 -18.33 1.52 11.55
C VAL A 81 -16.89 1.07 11.79
N THR A 82 -16.37 0.22 10.91
CA THR A 82 -14.98 -0.22 10.99
C THR A 82 -14.18 0.33 9.82
N LEU A 83 -13.09 1.04 10.12
CA LEU A 83 -12.27 1.65 9.09
C LEU A 83 -10.90 0.97 9.00
N TYR A 84 -10.51 0.59 7.79
CA TYR A 84 -9.15 0.14 7.52
C TYR A 84 -8.46 1.25 6.75
N LEU A 85 -7.42 1.83 7.34
CA LEU A 85 -6.83 3.05 6.79
C LEU A 85 -5.43 2.84 6.23
N ARG A 86 -5.28 3.09 4.93
CA ARG A 86 -3.97 3.17 4.32
C ARG A 86 -3.52 4.63 4.32
N PRO A 87 -2.27 4.88 4.75
CA PRO A 87 -1.71 6.23 4.86
C PRO A 87 -1.88 7.06 3.58
N GLY A 88 -2.50 8.22 3.70
CA GLY A 88 -2.65 9.13 2.58
C GLY A 88 -3.91 8.90 1.77
N GLN A 89 -4.58 7.78 2.02
CA GLN A 89 -5.81 7.45 1.29
C GLN A 89 -7.04 7.54 2.18
N ALA A 90 -7.99 8.38 1.79
CA ALA A 90 -9.19 8.61 2.58
C ALA A 90 -10.18 7.45 2.48
N ALA A 91 -10.79 7.12 3.61
CA ALA A 91 -11.90 6.17 3.63
C ALA A 91 -13.19 6.92 3.85
N ALA A 92 -14.20 6.65 3.02
CA ALA A 92 -15.46 7.40 3.09
C ALA A 92 -16.64 6.49 3.47
N PHE A 93 -17.52 7.02 4.31
CA PHE A 93 -18.74 6.33 4.68
C PHE A 93 -19.84 7.34 5.03
N ASN A 94 -21.10 6.95 4.80
CA ASN A 94 -22.22 7.85 5.03
C ASN A 94 -22.95 7.60 6.35
N VAL A 95 -23.24 8.69 7.06
CA VAL A 95 -24.05 8.62 8.28
C VAL A 95 -25.39 9.30 8.04
N THR A 96 -26.47 8.57 8.28
CA THR A 96 -27.81 9.09 8.05
C THR A 96 -28.44 9.63 9.33
N PHE A 97 -28.97 10.85 9.26
CA PHE A 97 -29.67 11.45 10.39
C PHE A 97 -31.15 11.56 10.09
N ARG A 98 -31.98 10.99 10.95
CA ARG A 98 -33.42 10.97 10.75
C ARG A 98 -34.12 11.70 11.89
N ARG A 99 -34.74 12.85 11.58
CA ARG A 99 -35.37 13.67 12.62
C ARG A 99 -36.65 13.07 13.18
N ALA A 100 -36.78 13.15 14.50
CA ALA A 100 -37.98 12.70 15.21
C ALA A 100 -38.81 13.89 15.69
N LYS A 101 -38.26 14.63 16.65
CA LYS A 101 -38.80 15.94 17.06
C LYS A 101 -37.68 16.93 16.87
N LEU A 102 -36.79 16.97 17.85
CA LEU A 102 -35.41 17.38 17.65
C LEU A 102 -35.18 18.84 17.29
N SER A 103 -34.27 19.06 16.36
CA SER A 103 -33.80 20.40 15.99
C SER A 103 -33.92 20.69 14.49
N SER A 104 -34.10 21.96 14.16
CA SER A 104 -34.17 22.39 12.77
C SER A 104 -32.80 22.35 12.11
N ARG A 105 -31.76 22.62 12.91
CA ARG A 105 -30.39 22.58 12.41
C ARG A 105 -29.59 21.51 13.15
N VAL A 106 -28.83 20.73 12.39
CA VAL A 106 -28.11 19.58 12.96
C VAL A 106 -26.63 19.64 12.65
N PHE A 107 -25.81 19.53 13.69
CA PHE A 107 -24.37 19.51 13.54
C PHE A 107 -23.81 18.12 13.85
N LEU A 108 -22.87 17.67 13.02
CA LEU A 108 -22.25 16.36 13.22
C LEU A 108 -20.76 16.54 13.51
N ASP A 109 -20.32 16.00 14.64
CA ASP A 109 -18.93 16.17 15.06
C ASP A 109 -18.41 14.91 15.76
N HIS A 110 -17.11 14.89 16.04
CA HIS A 110 -16.47 13.74 16.66
C HIS A 110 -15.60 14.19 17.84
N ASN A 111 -15.29 13.26 18.73
CA ASN A 111 -14.40 13.57 19.86
C ASN A 111 -12.97 13.78 19.38
N ALA A 112 -12.15 14.42 20.22
CA ALA A 112 -10.79 14.78 19.84
C ALA A 112 -9.96 13.60 19.34
N LEU A 113 -9.27 13.81 18.23
CA LEU A 113 -8.45 12.78 17.61
C LEU A 113 -6.98 13.14 17.65
N PRO A 114 -6.09 12.13 17.56
CA PRO A 114 -4.66 12.41 17.42
C PRO A 114 -4.39 13.11 16.09
N ASP A 115 -3.27 13.81 15.99
CA ASP A 115 -2.96 14.57 14.78
C ASP A 115 -2.70 13.69 13.56
N THR A 116 -2.59 12.39 13.78
CA THR A 116 -2.37 11.44 12.70
C THR A 116 -3.66 11.14 11.94
N LEU A 117 -4.78 11.57 12.49
CA LEU A 117 -6.08 11.33 11.85
C LEU A 117 -6.73 12.63 11.39
N LYS A 118 -7.17 12.64 10.13
CA LYS A 118 -7.84 13.79 9.55
C LYS A 118 -9.27 13.43 9.15
N VAL A 119 -10.24 14.18 9.65
CA VAL A 119 -11.64 13.90 9.38
C VAL A 119 -12.38 15.11 8.82
N THR A 120 -13.05 14.92 7.67
CA THR A 120 -13.86 15.96 7.07
C THR A 120 -15.29 15.46 6.84
N TYR A 121 -16.24 16.38 6.73
CA TYR A 121 -17.63 16.03 6.53
C TYR A 121 -18.21 16.70 5.28
N ASP A 122 -18.99 15.93 4.52
CA ASP A 122 -19.83 16.51 3.48
C ASP A 122 -21.26 16.51 4.01
N SER A 123 -22.00 17.59 3.76
CA SER A 123 -23.37 17.68 4.27
C SER A 123 -24.38 17.75 3.13
N PHE A 124 -25.15 16.68 2.96
CA PHE A 124 -26.18 16.64 1.94
C PHE A 124 -27.55 16.92 2.57
N CYS A 125 -27.83 18.21 2.78
CA CYS A 125 -29.04 18.62 3.47
C CYS A 125 -30.28 18.46 2.60
N SER A 126 -31.45 18.46 3.24
CA SER A 126 -32.72 18.23 2.56
C SER A 126 -33.26 19.50 1.90
N ASN A 127 -32.73 20.65 2.28
CA ASN A 127 -33.19 21.92 1.71
C ASN A 127 -32.41 22.34 0.48
N GLY A 128 -31.63 21.42 -0.09
CA GLY A 128 -30.86 21.71 -1.28
C GLY A 128 -29.43 22.14 -1.01
N VAL A 129 -29.18 22.58 0.22
CA VAL A 129 -27.87 23.03 0.64
C VAL A 129 -26.88 21.86 0.72
N THR A 130 -25.69 22.06 0.16
CA THR A 130 -24.66 21.03 0.19
C THR A 130 -23.31 21.60 0.62
N HIS A 131 -22.80 21.11 1.75
CA HIS A 131 -21.47 21.47 2.22
C HIS A 131 -20.50 20.33 1.91
N ARG A 132 -19.24 20.67 1.62
CA ARG A 132 -18.24 19.65 1.30
CA ARG A 132 -18.25 19.65 1.30
C ARG A 132 -16.91 19.91 1.99
N ASN A 133 -16.30 18.83 2.47
CA ASN A 133 -14.98 18.88 3.10
C ASN A 133 -14.88 19.86 4.27
N GLN A 134 -15.90 19.87 5.11
CA GLN A 134 -15.96 20.75 6.26
C GLN A 134 -15.45 20.05 7.51
N PRO A 135 -15.01 20.82 8.51
CA PRO A 135 -14.57 20.20 9.77
C PRO A 135 -15.74 19.60 10.55
N ARG A 136 -16.96 20.03 10.24
CA ARG A 136 -18.15 19.51 10.90
C ARG A 136 -19.28 19.27 9.90
N GLY A 137 -20.21 18.40 10.27
CA GLY A 137 -21.44 18.25 9.52
C GLY A 137 -22.36 19.42 9.87
N ASP A 138 -23.06 19.94 8.88
CA ASP A 138 -23.92 21.09 9.09
C ASP A 138 -25.10 21.08 8.13
N CYS A 139 -26.31 20.97 8.68
CA CYS A 139 -27.53 20.99 7.88
C CYS A 139 -28.64 21.77 8.56
N ASP A 140 -29.10 22.83 7.89
CA ASP A 140 -30.23 23.60 8.37
C ASP A 140 -31.47 23.10 7.64
N GLY A 141 -32.65 23.48 8.13
CA GLY A 141 -33.89 23.08 7.49
C GLY A 141 -34.15 21.58 7.56
N VAL A 142 -33.72 20.96 8.64
CA VAL A 142 -33.94 19.53 8.84
C VAL A 142 -35.38 19.29 9.29
N GLN A 143 -36.07 18.40 8.58
CA GLN A 143 -37.48 18.15 8.87
C GLN A 143 -37.70 16.73 9.37
N ILE A 144 -38.79 16.54 10.12
CA ILE A 144 -39.12 15.25 10.69
C ILE A 144 -39.42 14.20 9.61
N ASN A 145 -38.85 13.01 9.77
CA ASN A 145 -39.08 11.88 8.88
C ASN A 145 -38.50 11.99 7.46
N VAL A 146 -37.72 13.03 7.20
CA VAL A 146 -36.94 13.10 5.95
C VAL A 146 -35.44 13.13 6.25
N PRO A 147 -34.77 11.99 6.06
CA PRO A 147 -33.37 11.78 6.41
C PRO A 147 -32.40 12.68 5.67
N ILE A 148 -31.32 13.07 6.34
CA ILE A 148 -30.23 13.80 5.71
C ILE A 148 -28.98 12.92 5.77
N THR A 149 -28.02 13.19 4.89
CA THR A 149 -26.84 12.33 4.79
C THR A 149 -25.55 13.12 4.94
N PHE A 150 -24.65 12.63 5.79
CA PHE A 150 -23.32 13.21 5.94
C PHE A 150 -22.29 12.22 5.44
N GLN A 151 -21.38 12.68 4.58
CA GLN A 151 -20.29 11.83 4.13
C GLN A 151 -19.03 12.10 4.95
N VAL A 152 -18.61 11.12 5.72
CA VAL A 152 -17.44 11.26 6.57
C VAL A 152 -16.20 10.69 5.88
N LYS A 153 -15.17 11.52 5.74
CA LYS A 153 -13.92 11.07 5.14
C LYS A 153 -12.78 11.09 6.15
N VAL A 154 -12.17 9.93 6.35
CA VAL A 154 -11.10 9.77 7.34
C VAL A 154 -9.77 9.42 6.69
N THR A 155 -8.75 10.22 6.96
CA THR A 155 -7.42 9.99 6.38
C THR A 155 -6.35 9.90 7.47
N ALA A 156 -5.55 8.84 7.40
CA ALA A 156 -4.43 8.69 8.33
C ALA A 156 -3.11 9.10 7.66
N THR A 157 -2.25 9.76 8.43
CA THR A 157 -0.98 10.24 7.91
C THR A 157 0.11 9.17 8.07
N GLU A 158 -0.24 8.09 8.76
CA GLU A 158 0.71 7.02 9.05
C GLU A 158 -0.04 5.71 9.29
N CYS A 159 0.73 4.65 9.53
CA CYS A 159 0.14 3.38 9.95
C CYS A 159 -0.25 3.49 11.41
N ILE A 160 -1.49 3.92 11.65
CA ILE A 160 -1.96 4.22 12.99
C ILE A 160 -2.20 2.98 13.86
N GLN A 161 -2.14 3.16 15.17
N GLN A 161 -2.13 3.15 15.17
CA GLN A 161 -2.48 2.11 16.11
CA GLN A 161 -2.48 2.07 16.07
C GLN A 161 -4.00 1.99 16.19
C GLN A 161 -4.00 1.97 16.15
N GLU A 162 -4.50 0.78 16.42
CA GLU A 162 -5.95 0.55 16.51
C GLU A 162 -6.58 1.38 17.62
N GLN A 163 -7.56 2.20 17.24
CA GLN A 163 -8.27 3.02 18.20
C GLN A 163 -9.72 3.18 17.78
N SER A 164 -10.52 3.78 18.65
CA SER A 164 -11.91 4.04 18.35
C SER A 164 -12.24 5.48 18.66
N PHE A 165 -13.25 6.02 17.96
CA PHE A 165 -13.80 7.31 18.32
C PHE A 165 -15.27 7.34 17.98
N VAL A 166 -15.97 8.38 18.43
CA VAL A 166 -17.42 8.44 18.23
C VAL A 166 -17.81 9.63 17.36
N ILE A 167 -18.92 9.48 16.64
CA ILE A 167 -19.51 10.57 15.89
C ILE A 167 -20.90 10.84 16.46
N ARG A 168 -21.17 12.10 16.81
CA ARG A 168 -22.44 12.45 17.44
C ARG A 168 -23.11 13.61 16.73
N ALA A 169 -24.44 13.64 16.82
CA ALA A 169 -25.19 14.82 16.40
C ALA A 169 -25.44 15.66 17.64
N LEU A 170 -25.01 16.92 17.59
CA LEU A 170 -25.07 17.80 18.76
C LEU A 170 -26.49 17.99 19.29
N GLY A 171 -26.69 17.66 20.56
CA GLY A 171 -27.99 17.77 21.18
C GLY A 171 -28.71 16.44 21.24
N PHE A 172 -28.03 15.38 20.81
CA PHE A 172 -28.63 14.05 20.78
C PHE A 172 -27.72 13.01 21.40
N THR A 173 -28.32 11.98 22.01
CA THR A 173 -27.57 10.96 22.72
C THR A 173 -27.03 9.88 21.80
N ASP A 174 -27.47 9.92 20.54
CA ASP A 174 -27.05 8.92 19.55
C ASP A 174 -25.53 8.88 19.36
N ILE A 175 -25.02 7.68 19.10
CA ILE A 175 -23.58 7.48 18.92
C ILE A 175 -23.26 6.59 17.72
N VAL A 176 -22.38 7.07 16.84
CA VAL A 176 -21.82 6.22 15.80
C VAL A 176 -20.43 5.80 16.24
N THR A 177 -20.27 4.51 16.56
CA THR A 177 -18.99 3.98 17.01
C THR A 177 -18.08 3.70 15.81
N VAL A 178 -16.92 4.34 15.78
CA VAL A 178 -16.00 4.17 14.67
C VAL A 178 -14.69 3.53 15.13
N GLN A 179 -14.46 2.29 14.70
CA GLN A 179 -13.19 1.61 14.97
C GLN A 179 -12.26 1.80 13.78
N VAL A 180 -11.05 2.28 14.04
CA VAL A 180 -10.09 2.44 12.96
C VAL A 180 -8.93 1.46 13.10
N LEU A 181 -8.52 0.90 11.96
CA LEU A 181 -7.45 -0.09 11.90
C LEU A 181 -6.46 0.29 10.81
N PRO A 182 -5.18 -0.04 10.99
CA PRO A 182 -4.18 0.23 9.95
C PRO A 182 -4.32 -0.72 8.77
N GLN A 183 -3.95 -0.24 7.59
CA GLN A 183 -3.95 -1.05 6.38
C GLN A 183 -2.58 -0.89 5.72
N CYS A 184 -1.55 -1.44 6.36
CA CYS A 184 -0.18 -1.25 5.90
C CYS A 184 0.53 -2.57 5.61
N GLU A 185 -0.01 -3.65 6.15
CA GLU A 185 0.59 -4.98 5.96
C GLU A 185 0.16 -5.62 4.65
N CYS A 186 1.07 -6.37 4.04
CA CYS A 186 0.78 -7.07 2.80
C CYS A 186 0.53 -8.54 3.04
N ARG A 187 -0.44 -9.10 2.33
CA ARG A 187 -0.75 -10.52 2.43
CA ARG A 187 -0.75 -10.52 2.43
C ARG A 187 -0.15 -11.26 1.25
N CYS A 188 1.14 -11.58 1.35
CA CYS A 188 1.86 -12.21 0.25
C CYS A 188 1.83 -13.73 0.33
N ARG A 189 2.21 -14.38 -0.76
CA ARG A 189 2.34 -15.83 -0.78
C ARG A 189 3.65 -16.24 -0.13
N ASP A 190 3.59 -17.29 0.69
CA ASP A 190 4.79 -17.76 1.38
C ASP A 190 5.40 -19.03 0.77
N GLN A 191 6.22 -19.70 1.56
CA GLN A 191 7.06 -20.80 1.09
C GLN A 191 6.41 -22.16 1.30
N SER A 192 5.30 -22.16 2.03
CA SER A 192 4.70 -23.38 2.55
C SER A 192 4.49 -24.52 1.56
N ARG A 193 4.15 -24.18 0.32
CA ARG A 193 3.77 -25.19 -0.66
C ARG A 193 4.86 -25.56 -1.66
N ASP A 194 6.08 -25.13 -1.41
CA ASP A 194 7.20 -25.48 -2.29
C ASP A 194 8.53 -25.33 -1.56
N ARG A 195 9.24 -26.43 -1.39
CA ARG A 195 10.54 -26.43 -0.74
C ARG A 195 11.66 -25.96 -1.68
N SER A 196 11.33 -25.79 -2.95
CA SER A 196 12.31 -25.40 -3.95
C SER A 196 12.41 -23.88 -4.11
N LEU A 197 11.44 -23.17 -3.53
CA LEU A 197 11.44 -21.70 -3.55
C LEU A 197 12.67 -21.16 -2.82
N CYS A 198 13.32 -20.17 -3.43
CA CYS A 198 14.59 -19.63 -2.92
C CYS A 198 15.64 -20.74 -2.77
N HIS A 199 15.56 -21.74 -3.66
CA HIS A 199 16.45 -22.90 -3.63
C HIS A 199 16.40 -23.67 -2.31
N GLY A 200 15.37 -23.41 -1.51
CA GLY A 200 15.25 -24.04 -0.20
C GLY A 200 16.34 -23.60 0.75
N LYS A 201 16.95 -22.45 0.46
CA LYS A 201 18.04 -21.92 1.28
C LYS A 201 17.79 -20.46 1.63
N GLY A 202 16.53 -20.11 1.86
CA GLY A 202 16.16 -18.76 2.21
C GLY A 202 14.67 -18.60 2.46
N PHE A 203 14.28 -17.44 2.97
CA PHE A 203 12.87 -17.17 3.24
C PHE A 203 12.26 -16.31 2.14
N LEU A 204 11.10 -16.73 1.62
CA LEU A 204 10.38 -15.95 0.63
C LEU A 204 9.50 -14.91 1.32
N GLU A 205 9.79 -13.64 1.07
CA GLU A 205 9.05 -12.56 1.69
C GLU A 205 8.56 -11.54 0.66
N CYS A 206 7.31 -11.71 0.25
CA CYS A 206 6.68 -10.86 -0.77
C CYS A 206 7.49 -10.77 -2.06
N GLY A 207 7.98 -11.91 -2.53
CA GLY A 207 8.72 -11.97 -3.77
C GLY A 207 10.23 -11.91 -3.62
N ILE A 208 10.68 -11.56 -2.42
CA ILE A 208 12.10 -11.42 -2.15
C ILE A 208 12.64 -12.58 -1.32
N CYS A 209 13.72 -13.20 -1.79
CA CYS A 209 14.37 -14.27 -1.05
C CYS A 209 15.39 -13.71 -0.07
N ARG A 210 15.14 -13.93 1.21
CA ARG A 210 16.10 -13.60 2.26
C ARG A 210 16.95 -14.84 2.53
N CYS A 211 18.09 -14.92 1.85
CA CYS A 211 18.89 -16.14 1.83
C CYS A 211 19.52 -16.49 3.18
N ASP A 212 19.66 -17.78 3.45
CA ASP A 212 20.31 -18.24 4.67
C ASP A 212 21.79 -17.88 4.65
N THR A 213 22.42 -17.94 5.82
CA THR A 213 23.85 -17.64 5.94
C THR A 213 24.68 -18.58 5.07
N GLY A 214 25.54 -18.01 4.23
CA GLY A 214 26.38 -18.80 3.35
C GLY A 214 25.81 -18.91 1.94
N TYR A 215 24.67 -18.26 1.72
CA TYR A 215 24.00 -18.29 0.43
C TYR A 215 23.67 -16.87 -0.02
N ILE A 216 23.94 -16.58 -1.29
CA ILE A 216 23.61 -15.28 -1.87
C ILE A 216 22.92 -15.44 -3.22
N GLY A 217 22.46 -14.33 -3.78
CA GLY A 217 21.74 -14.35 -5.04
C GLY A 217 20.27 -14.05 -4.84
N LYS A 218 19.59 -13.67 -5.92
CA LYS A 218 18.18 -13.34 -5.85
C LYS A 218 17.31 -14.56 -5.55
N ASN A 219 17.84 -15.74 -5.82
CA ASN A 219 17.15 -16.99 -5.52
C ASN A 219 17.95 -17.88 -4.58
N CYS A 220 18.94 -17.28 -3.92
CA CYS A 220 19.85 -18.00 -3.03
C CYS A 220 20.53 -19.15 -3.75
N GLU A 221 20.82 -18.93 -5.04
CA GLU A 221 21.37 -19.97 -5.89
C GLU A 221 22.87 -20.16 -5.72
N CYS A 222 23.53 -19.13 -5.19
CA CYS A 222 24.97 -19.16 -5.04
C CYS A 222 25.41 -19.46 -3.61
N GLN A 223 26.04 -20.61 -3.42
CA GLN A 223 26.67 -20.92 -2.14
C GLN A 223 28.09 -20.36 -2.14
N THR A 224 28.39 -19.55 -1.14
CA THR A 224 29.62 -18.77 -1.13
C THR A 224 30.84 -19.52 -0.62
N GLN A 225 30.61 -20.61 0.11
CA GLN A 225 31.66 -21.28 0.86
C GLN A 225 32.33 -20.27 1.80
N GLY A 226 33.66 -20.23 1.79
CA GLY A 226 34.39 -19.26 2.58
C GLY A 226 34.68 -18.00 1.79
N ARG A 227 34.48 -18.06 0.47
CA ARG A 227 34.62 -16.91 -0.39
C ARG A 227 33.65 -15.82 0.05
N SER A 228 34.20 -14.68 0.48
CA SER A 228 33.39 -13.57 0.98
C SER A 228 32.46 -13.00 -0.09
N SER A 229 31.35 -12.41 0.35
CA SER A 229 30.34 -11.86 -0.54
C SER A 229 30.91 -10.77 -1.44
N GLN A 230 31.85 -10.01 -0.89
CA GLN A 230 32.50 -8.93 -1.61
C GLN A 230 33.53 -9.47 -2.60
N GLU A 231 34.13 -10.60 -2.26
CA GLU A 231 35.11 -11.25 -3.11
C GLU A 231 34.45 -11.72 -4.42
N LEU A 232 33.23 -12.24 -4.30
CA LEU A 232 32.48 -12.68 -5.47
C LEU A 232 31.95 -11.49 -6.25
N GLU A 233 31.77 -10.36 -5.58
CA GLU A 233 31.32 -9.14 -6.21
C GLU A 233 32.45 -8.46 -6.98
N GLY A 234 33.68 -8.66 -6.52
CA GLY A 234 34.85 -8.05 -7.14
C GLY A 234 35.07 -8.54 -8.56
N SER A 235 34.69 -9.79 -8.81
CA SER A 235 34.77 -10.36 -10.16
C SER A 235 33.59 -9.91 -11.02
N CYS A 236 32.79 -8.98 -10.50
CA CYS A 236 31.62 -8.49 -11.22
C CYS A 236 31.65 -6.98 -11.43
N ARG A 237 32.63 -6.30 -10.84
CA ARG A 237 32.79 -4.86 -11.03
C ARG A 237 34.19 -4.50 -11.50
N LYS A 238 34.28 -3.53 -12.41
CA LYS A 238 35.56 -3.21 -13.06
C LYS A 238 36.50 -2.41 -12.16
N ASP A 239 35.96 -1.43 -11.43
CA ASP A 239 36.74 -0.75 -10.40
C ASP A 239 35.91 -0.55 -9.14
N ASN A 240 36.56 -0.15 -8.06
CA ASN A 240 35.90 -0.06 -6.76
C ASN A 240 34.90 1.08 -6.65
N ASN A 241 34.92 2.00 -7.61
CA ASN A 241 33.95 3.09 -7.63
C ASN A 241 32.86 2.85 -8.67
N SER A 242 32.90 1.67 -9.29
CA SER A 242 31.91 1.28 -10.28
CA SER A 242 31.92 1.28 -10.28
C SER A 242 30.80 0.45 -9.66
N ILE A 243 29.71 0.27 -10.40
CA ILE A 243 28.59 -0.55 -9.93
C ILE A 243 28.67 -1.94 -10.56
N ILE A 244 28.16 -2.93 -9.81
CA ILE A 244 28.23 -4.34 -10.22
C ILE A 244 27.55 -4.61 -11.56
N CYS A 245 28.28 -5.23 -12.48
CA CYS A 245 27.75 -5.63 -13.78
C CYS A 245 27.19 -4.45 -14.58
N SER A 246 27.79 -3.28 -14.38
CA SER A 246 27.38 -2.04 -15.04
C SER A 246 25.89 -1.75 -14.91
N GLY A 247 25.32 -2.12 -13.77
CA GLY A 247 23.91 -1.88 -13.50
C GLY A 247 22.95 -2.54 -14.48
N LEU A 248 23.49 -3.41 -15.33
CA LEU A 248 22.69 -4.08 -16.35
C LEU A 248 22.77 -5.59 -16.24
N GLY A 249 23.13 -6.08 -15.05
CA GLY A 249 23.25 -7.51 -14.83
C GLY A 249 23.37 -7.87 -13.36
N ASP A 250 23.13 -9.14 -13.06
CA ASP A 250 23.29 -9.63 -11.69
C ASP A 250 24.60 -10.39 -11.54
N CYS A 251 25.24 -10.25 -10.38
CA CYS A 251 26.43 -11.02 -10.09
C CYS A 251 26.03 -12.39 -9.57
N VAL A 252 26.00 -13.38 -10.46
CA VAL A 252 25.59 -14.72 -10.09
C VAL A 252 26.78 -15.59 -9.71
N CYS A 253 27.04 -15.68 -8.41
CA CYS A 253 28.14 -16.49 -7.86
C CYS A 253 29.49 -16.14 -8.46
N GLY A 254 29.76 -14.84 -8.59
CA GLY A 254 31.06 -14.37 -9.06
C GLY A 254 31.10 -13.96 -10.52
N GLN A 255 30.02 -14.21 -11.25
CA GLN A 255 29.99 -13.89 -12.68
C GLN A 255 28.73 -13.14 -13.08
N CYS A 256 28.90 -12.09 -13.88
CA CYS A 256 27.79 -11.25 -14.33
C CYS A 256 26.86 -11.98 -15.30
N LEU A 257 25.57 -11.97 -14.99
CA LEU A 257 24.55 -12.43 -15.91
C LEU A 257 23.85 -11.21 -16.49
N CYS A 258 24.07 -10.94 -17.77
CA CYS A 258 23.60 -9.71 -18.38
C CYS A 258 22.12 -9.73 -18.75
N HIS A 259 21.52 -8.54 -18.78
CA HIS A 259 20.14 -8.38 -19.20
C HIS A 259 19.97 -8.75 -20.67
N THR A 260 18.96 -9.57 -20.95
CA THR A 260 18.64 -9.94 -22.33
C THR A 260 17.51 -9.05 -22.83
N SER A 261 17.64 -8.55 -24.06
CA SER A 261 16.67 -7.63 -24.61
C SER A 261 15.76 -8.28 -25.65
N ASP A 262 14.52 -7.84 -25.71
CA ASP A 262 13.58 -8.28 -26.73
C ASP A 262 13.68 -7.38 -27.95
N VAL A 263 14.38 -6.25 -27.78
CA VAL A 263 14.57 -5.30 -28.87
C VAL A 263 15.59 -5.83 -29.87
N PRO A 264 15.15 -6.05 -31.12
CA PRO A 264 16.03 -6.57 -32.18
C PRO A 264 17.28 -5.74 -32.37
N GLY A 265 18.44 -6.40 -32.32
CA GLY A 265 19.71 -5.73 -32.49
C GLY A 265 20.41 -5.42 -31.19
N LYS A 266 19.64 -5.36 -30.11
CA LYS A 266 20.20 -5.07 -28.78
C LYS A 266 20.91 -6.27 -28.17
N LEU A 267 22.16 -6.05 -27.75
CA LEU A 267 22.91 -7.07 -27.04
C LEU A 267 23.78 -6.45 -25.94
N ILE A 268 23.54 -6.89 -24.70
CA ILE A 268 24.35 -6.46 -23.57
C ILE A 268 25.34 -7.58 -23.24
N TYR A 269 26.63 -7.31 -23.46
CA TYR A 269 27.66 -8.32 -23.24
C TYR A 269 28.92 -7.74 -22.58
N GLY A 270 29.87 -8.62 -22.28
CA GLY A 270 31.08 -8.21 -21.60
C GLY A 270 31.16 -8.79 -20.21
N GLN A 271 32.37 -8.84 -19.66
CA GLN A 271 32.60 -9.36 -18.32
C GLN A 271 31.77 -8.62 -17.27
N TYR A 272 31.62 -7.31 -17.46
CA TYR A 272 30.83 -6.48 -16.55
C TYR A 272 29.57 -5.97 -17.23
N CYS A 273 29.13 -6.65 -18.28
CA CYS A 273 27.98 -6.21 -19.07
C CYS A 273 28.15 -4.76 -19.54
N GLU A 274 29.37 -4.42 -19.93
CA GLU A 274 29.71 -3.03 -20.24
C GLU A 274 29.54 -2.68 -21.72
N HIS A 275 29.34 -3.70 -22.55
CA HIS A 275 29.15 -3.48 -23.97
C HIS A 275 27.66 -3.48 -24.32
N HIS A 276 27.16 -2.32 -24.73
CA HIS A 276 25.74 -2.17 -25.02
C HIS A 276 25.54 -1.98 -26.52
N HIS A 277 25.34 -3.08 -27.22
CA HIS A 277 25.26 -3.10 -28.68
C HIS A 277 23.84 -2.79 -29.16
N HIS A 278 23.73 -2.07 -30.28
CA HIS A 278 22.45 -1.77 -30.88
C HIS A 278 22.31 -2.45 -32.24
N HIS A 279 23.39 -3.04 -32.73
CA HIS A 279 23.42 -3.62 -34.07
C HIS A 279 23.84 -5.09 -34.06
N HIS A 280 23.30 -5.85 -33.11
CA HIS A 280 23.53 -7.30 -33.08
C HIS A 280 22.26 -8.06 -33.46
#